data_8XLO
#
_entry.id   8XLO
#
_cell.length_a   209.210
_cell.length_b   57.480
_cell.length_c   66.410
_cell.angle_alpha   90.00
_cell.angle_beta   107.86
_cell.angle_gamma   90.00
#
_symmetry.space_group_name_H-M   'C 1 2 1'
#
loop_
_entity.id
_entity.type
_entity.pdbx_description
1 polymer 'Fibroblast growth factor receptor 1'
2 non-polymer CXF007
3 non-polymer 'SULFATE ION'
4 water water
#
_entity_poly.entity_id   1
_entity_poly.type   'polypeptide(L)'
_entity_poly.pdbx_seq_one_letter_code
;GPAGVSEYELPEDPRWELPRDRLVLGKPLGEGCFGQVVLAEAIGLDKDKPNRVTKVAVKMLKSDATEKDLSDLISEMEMM
KMIGKHKNIINLLGACTQDGPLYVIVEYASKGNLREYLQARRPPGLEYSYNPSHNPEEQLSSKDLVSCAYQVARGMEYLA
SKKCIHRDLAARNVLVTEDNVMKIADFGLARDIHHIDYYKKTTNGRLPVKWMAPEALFDRIYTHQSDVWSFGVLLWEIFT
LGGSPYPGVPVEELFKLLKEGHRMDKPSNCTNELYMMMRDCWHAVPSQRPTFKQLVEDLDRIVALTSNQE
;
_entity_poly.pdbx_strand_id   A,B
#
loop_
_chem_comp.id
_chem_comp.type
_chem_comp.name
_chem_comp.formula
A1LVQ non-polymer CXF007 'C34 H33 N7 O5'
SO4 non-polymer 'SULFATE ION' 'O4 S -2'
#
# COMPACT_ATOMS: atom_id res chain seq x y z
N GLU A 7 3.78 -40.04 -25.01
CA GLU A 7 5.12 -39.74 -25.48
C GLU A 7 5.87 -38.80 -24.58
N TYR A 8 6.72 -39.33 -23.72
CA TYR A 8 7.48 -38.43 -22.87
C TYR A 8 8.98 -38.55 -23.10
N GLU A 9 9.33 -38.45 -24.37
CA GLU A 9 10.69 -38.45 -24.83
C GLU A 9 10.82 -37.11 -25.49
N LEU A 10 11.48 -36.18 -24.81
CA LEU A 10 11.64 -34.87 -25.35
C LEU A 10 13.10 -34.52 -25.33
N PRO A 11 13.52 -33.66 -26.25
CA PRO A 11 14.93 -33.26 -26.22
C PRO A 11 15.24 -32.41 -24.99
N GLU A 12 16.41 -32.62 -24.39
CA GLU A 12 16.76 -31.94 -23.15
C GLU A 12 17.71 -30.77 -23.38
N ASP A 13 17.32 -29.60 -22.86
CA ASP A 13 18.21 -28.45 -22.84
C ASP A 13 18.72 -28.28 -21.41
N PRO A 14 19.95 -28.74 -21.14
CA PRO A 14 20.54 -28.82 -19.80
C PRO A 14 20.62 -27.48 -19.06
N ARG A 15 20.63 -26.38 -19.80
CA ARG A 15 20.70 -25.06 -19.18
C ARG A 15 19.39 -24.70 -18.47
N TRP A 16 18.31 -25.38 -18.86
CA TRP A 16 17.00 -25.11 -18.29
C TRP A 16 16.45 -26.27 -17.46
N GLU A 17 17.11 -27.41 -17.54
CA GLU A 17 16.58 -28.63 -16.95
C GLU A 17 16.68 -28.66 -15.43
N LEU A 18 15.59 -29.07 -14.78
CA LEU A 18 15.57 -29.27 -13.34
C LEU A 18 15.11 -30.70 -13.05
N PRO A 19 15.88 -31.43 -12.23
CA PRO A 19 15.47 -32.79 -11.86
C PRO A 19 14.14 -32.78 -11.12
N ARG A 20 13.27 -33.74 -11.42
CA ARG A 20 11.91 -33.75 -10.90
C ARG A 20 11.84 -33.82 -9.38
N ASP A 21 12.85 -34.41 -8.76
CA ASP A 21 12.88 -34.54 -7.31
C ASP A 21 13.35 -33.26 -6.63
N ARG A 22 13.38 -32.16 -7.39
CA ARG A 22 13.70 -30.85 -6.82
C ARG A 22 12.45 -29.98 -6.79
N LEU A 23 11.36 -30.50 -7.32
CA LEU A 23 10.08 -29.80 -7.31
C LEU A 23 9.12 -30.42 -6.29
N VAL A 24 8.67 -29.61 -5.35
CA VAL A 24 7.61 -30.01 -4.43
C VAL A 24 6.31 -29.37 -4.89
N LEU A 25 5.48 -30.16 -5.56
CA LEU A 25 4.26 -29.64 -6.17
C LEU A 25 3.18 -29.32 -5.15
N GLY A 26 2.69 -28.09 -5.19
CA GLY A 26 1.60 -27.66 -4.33
C GLY A 26 0.26 -27.79 -5.03
N LYS A 27 -0.67 -26.91 -4.69
CA LYS A 27 -2.04 -27.02 -5.18
C LYS A 27 -2.32 -25.90 -6.19
N PRO A 28 -3.30 -26.12 -7.10
CA PRO A 28 -3.62 -25.16 -8.18
C PRO A 28 -3.73 -23.71 -7.73
N LEU A 29 -3.26 -22.80 -8.58
CA LEU A 29 -3.26 -21.37 -8.28
C LEU A 29 -4.63 -20.75 -8.52
N GLY A 30 -4.83 -19.55 -8.00
CA GLY A 30 -6.10 -18.85 -8.14
C GLY A 30 -7.18 -19.51 -7.30
N GLU A 31 -8.41 -19.45 -7.78
CA GLU A 31 -9.53 -20.09 -7.10
C GLU A 31 -9.51 -21.60 -7.34
N GLY A 32 -8.94 -22.01 -8.48
CA GLY A 32 -8.67 -23.41 -8.72
C GLY A 32 -9.30 -24.04 -9.95
N CYS A 33 -9.69 -23.24 -10.93
CA CYS A 33 -10.31 -23.76 -12.14
C CYS A 33 -9.26 -24.30 -13.10
N PHE A 34 -8.20 -23.53 -13.29
CA PHE A 34 -7.08 -23.91 -14.15
C PHE A 34 -6.09 -24.71 -13.34
N GLY A 35 -6.50 -25.88 -12.94
CA GLY A 35 -5.67 -26.74 -12.12
C GLY A 35 -4.52 -27.33 -12.92
N GLN A 36 -4.34 -26.87 -14.14
CA GLN A 36 -3.22 -27.33 -14.91
C GLN A 36 -2.02 -26.54 -14.46
N VAL A 37 -2.24 -25.38 -13.87
CA VAL A 37 -1.14 -24.63 -13.26
C VAL A 37 -1.19 -24.57 -11.72
N VAL A 38 -0.10 -25.01 -11.09
CA VAL A 38 -0.04 -25.13 -9.64
C VAL A 38 1.14 -24.38 -9.01
N LEU A 39 0.97 -24.01 -7.74
CA LEU A 39 2.08 -23.51 -6.94
C LEU A 39 3.02 -24.66 -6.66
N ALA A 40 4.31 -24.37 -6.49
CA ALA A 40 5.27 -25.40 -6.18
C ALA A 40 6.51 -24.80 -5.54
N GLU A 41 7.36 -25.67 -4.99
CA GLU A 41 8.62 -25.24 -4.42
C GLU A 41 9.78 -25.92 -5.12
N ALA A 42 10.68 -25.11 -5.66
CA ALA A 42 11.84 -25.63 -6.36
C ALA A 42 13.07 -25.57 -5.46
N ILE A 43 13.71 -26.72 -5.26
CA ILE A 43 14.90 -26.80 -4.43
C ILE A 43 16.14 -26.66 -5.30
N GLY A 44 16.95 -25.65 -5.01
CA GLY A 44 18.16 -25.45 -5.74
C GLY A 44 17.95 -25.13 -7.20
N LEU A 45 17.02 -24.21 -7.45
CA LEU A 45 16.70 -23.79 -8.79
C LEU A 45 17.92 -23.15 -9.40
N ASP A 46 18.58 -22.30 -8.63
CA ASP A 46 19.78 -21.71 -9.10
C ASP A 46 20.89 -22.68 -8.78
N LYS A 47 21.94 -22.71 -9.60
CA LYS A 47 23.11 -23.56 -9.40
C LYS A 47 23.88 -23.18 -8.13
N ASP A 48 23.85 -21.91 -7.75
CA ASP A 48 24.45 -21.46 -6.51
C ASP A 48 23.59 -22.06 -5.45
N LYS A 49 24.25 -22.51 -4.39
CA LYS A 49 23.67 -23.14 -3.18
C LYS A 49 22.29 -23.72 -3.30
N PRO A 50 22.21 -25.00 -3.63
CA PRO A 50 20.94 -25.71 -3.79
C PRO A 50 20.28 -26.19 -2.52
N ASN A 51 20.29 -25.40 -1.47
CA ASN A 51 19.70 -25.71 -0.22
C ASN A 51 18.74 -24.58 -0.02
N ARG A 52 18.55 -23.80 -1.06
CA ARG A 52 17.57 -22.71 -1.00
C ARG A 52 16.30 -23.10 -1.74
N VAL A 53 15.16 -22.83 -1.13
CA VAL A 53 13.88 -23.12 -1.77
C VAL A 53 13.32 -21.87 -2.43
N THR A 54 12.71 -22.05 -3.60
CA THR A 54 12.07 -20.95 -4.31
C THR A 54 10.64 -21.30 -4.67
N LYS A 55 9.70 -20.48 -4.22
CA LYS A 55 8.31 -20.65 -4.62
C LYS A 55 8.16 -20.31 -6.10
N VAL A 56 7.59 -21.24 -6.86
CA VAL A 56 7.44 -21.08 -8.29
C VAL A 56 6.06 -21.54 -8.74
N ALA A 57 5.74 -21.28 -10.00
CA ALA A 57 4.50 -21.78 -10.59
C ALA A 57 4.84 -22.82 -11.66
N VAL A 58 4.09 -23.91 -11.68
CA VAL A 58 4.37 -24.99 -12.61
C VAL A 58 3.19 -25.27 -13.53
N LYS A 59 3.43 -25.20 -14.83
CA LYS A 59 2.42 -25.53 -15.83
C LYS A 59 2.67 -26.91 -16.39
N MET A 60 1.64 -27.75 -16.38
CA MET A 60 1.74 -29.11 -16.84
C MET A 60 0.56 -29.44 -17.76
N LEU A 61 0.60 -30.60 -18.39
CA LEU A 61 -0.50 -31.01 -19.24
C LEU A 61 -1.63 -31.61 -18.41
N LYS A 62 -2.87 -31.33 -18.80
CA LYS A 62 -4.04 -31.92 -18.16
C LYS A 62 -4.02 -33.44 -18.27
N SER A 63 -4.93 -34.09 -17.56
CA SER A 63 -5.07 -35.53 -17.63
C SER A 63 -5.41 -35.97 -19.06
N ASP A 64 -6.42 -35.35 -19.65
CA ASP A 64 -6.80 -35.64 -21.03
C ASP A 64 -6.06 -34.71 -21.99
N ALA A 65 -4.75 -34.89 -22.09
CA ALA A 65 -3.92 -34.05 -22.95
C ALA A 65 -3.89 -34.57 -24.38
N THR A 66 -4.15 -33.69 -25.34
CA THR A 66 -4.08 -34.06 -26.75
C THR A 66 -2.64 -34.00 -27.23
N GLU A 67 -2.39 -34.56 -28.40
CA GLU A 67 -1.04 -34.60 -28.96
C GLU A 67 -0.56 -33.21 -29.36
N LYS A 68 -1.50 -32.28 -29.43
CA LYS A 68 -1.21 -30.92 -29.85
C LYS A 68 -1.15 -29.94 -28.69
N ASP A 69 -1.88 -30.24 -27.63
CA ASP A 69 -1.77 -29.50 -26.38
C ASP A 69 -0.33 -29.61 -25.87
N LEU A 70 0.31 -30.73 -26.20
CA LEU A 70 1.71 -30.93 -25.89
C LEU A 70 2.59 -29.95 -26.64
N SER A 71 2.40 -29.85 -27.96
CA SER A 71 3.17 -28.93 -28.78
C SER A 71 2.83 -27.48 -28.45
N ASP A 72 1.61 -27.27 -27.96
CA ASP A 72 1.20 -25.94 -27.53
C ASP A 72 2.05 -25.46 -26.36
N LEU A 73 2.16 -26.29 -25.34
CA LEU A 73 2.95 -25.96 -24.15
C LEU A 73 4.43 -25.82 -24.49
N ILE A 74 4.93 -26.74 -25.32
CA ILE A 74 6.33 -26.71 -25.73
C ILE A 74 6.66 -25.43 -26.48
N SER A 75 5.76 -25.02 -27.37
CA SER A 75 5.94 -23.80 -28.14
C SER A 75 5.98 -22.58 -27.21
N GLU A 76 5.08 -22.55 -26.24
CA GLU A 76 5.04 -21.49 -25.25
C GLU A 76 6.36 -21.41 -24.49
N MET A 77 6.90 -22.56 -24.14
CA MET A 77 8.17 -22.64 -23.43
C MET A 77 9.34 -22.12 -24.27
N GLU A 78 9.41 -22.58 -25.51
CA GLU A 78 10.47 -22.14 -26.43
C GLU A 78 10.34 -20.65 -26.74
N MET A 79 9.10 -20.19 -26.87
CA MET A 79 8.83 -18.78 -27.12
C MET A 79 9.41 -17.92 -26.01
N MET A 80 9.23 -18.36 -24.77
CA MET A 80 9.73 -17.64 -23.61
C MET A 80 11.25 -17.64 -23.56
N LYS A 81 11.86 -18.74 -23.96
CA LYS A 81 13.32 -18.83 -24.06
C LYS A 81 13.84 -17.76 -25.01
N MET A 82 13.20 -17.66 -26.18
CA MET A 82 13.64 -16.73 -27.21
C MET A 82 13.42 -15.28 -26.80
N ILE A 83 12.27 -14.99 -26.23
CA ILE A 83 11.92 -13.63 -25.82
C ILE A 83 12.90 -13.11 -24.79
N GLY A 84 13.33 -13.98 -23.88
CA GLY A 84 14.30 -13.59 -22.87
C GLY A 84 13.64 -13.02 -21.63
N LYS A 85 14.46 -12.53 -20.71
CA LYS A 85 13.97 -12.14 -19.40
C LYS A 85 13.78 -10.63 -19.23
N HIS A 86 12.73 -10.26 -18.49
CA HIS A 86 12.51 -8.88 -18.08
C HIS A 86 11.80 -8.85 -16.74
N LYS A 87 12.04 -7.80 -15.97
CA LYS A 87 11.50 -7.68 -14.62
C LYS A 87 9.97 -7.66 -14.60
N ASN A 88 9.36 -7.20 -15.68
CA ASN A 88 7.92 -6.98 -15.71
C ASN A 88 7.16 -7.96 -16.60
N ILE A 89 7.73 -9.15 -16.81
CA ILE A 89 7.01 -10.25 -17.42
C ILE A 89 7.17 -11.50 -16.57
N ILE A 90 6.24 -12.45 -16.72
CA ILE A 90 6.40 -13.75 -16.09
C ILE A 90 7.53 -14.49 -16.78
N ASN A 91 8.63 -14.71 -16.05
CA ASN A 91 9.82 -15.30 -16.65
C ASN A 91 9.87 -16.81 -16.53
N LEU A 92 10.51 -17.44 -17.52
CA LEU A 92 10.80 -18.87 -17.45
C LEU A 92 11.94 -19.08 -16.46
N LEU A 93 11.83 -20.12 -15.63
CA LEU A 93 12.84 -20.40 -14.63
C LEU A 93 13.52 -21.74 -14.87
N GLY A 94 12.78 -22.66 -15.48
CA GLY A 94 13.29 -23.99 -15.75
C GLY A 94 12.24 -24.91 -16.31
N ALA A 95 12.58 -26.19 -16.47
CA ALA A 95 11.64 -27.16 -17.01
C ALA A 95 11.99 -28.58 -16.60
N CYS A 96 10.97 -29.43 -16.54
CA CYS A 96 11.16 -30.87 -16.33
C CYS A 96 10.66 -31.61 -17.56
N THR A 97 11.60 -32.09 -18.37
CA THR A 97 11.25 -32.65 -19.68
C THR A 97 11.53 -34.14 -19.78
N GLN A 98 12.36 -34.66 -18.88
CA GLN A 98 12.79 -36.06 -18.98
C GLN A 98 12.22 -36.95 -17.88
N ASP A 99 11.93 -38.20 -18.23
CA ASP A 99 11.44 -39.20 -17.30
C ASP A 99 10.16 -38.76 -16.58
N GLY A 100 9.12 -38.48 -17.36
CA GLY A 100 7.85 -38.06 -16.81
C GLY A 100 7.17 -37.00 -17.64
N PRO A 101 6.05 -36.46 -17.14
CA PRO A 101 5.28 -35.43 -17.85
C PRO A 101 6.02 -34.10 -17.92
N LEU A 102 5.71 -33.29 -18.93
CA LEU A 102 6.38 -32.01 -19.11
C LEU A 102 5.94 -30.99 -18.07
N TYR A 103 6.91 -30.48 -17.31
CA TYR A 103 6.67 -29.40 -16.37
C TYR A 103 7.38 -28.13 -16.83
N VAL A 104 6.62 -27.06 -17.07
CA VAL A 104 7.22 -25.77 -17.38
C VAL A 104 7.19 -24.89 -16.13
N ILE A 105 8.35 -24.44 -15.69
CA ILE A 105 8.47 -23.69 -14.45
C ILE A 105 8.66 -22.20 -14.70
N VAL A 106 7.76 -21.41 -14.13
CA VAL A 106 7.81 -19.96 -14.30
C VAL A 106 7.69 -19.24 -12.97
N GLU A 107 7.89 -17.92 -12.99
CA GLU A 107 7.84 -17.12 -11.77
C GLU A 107 6.44 -17.13 -11.15
N TYR A 108 6.41 -17.01 -9.83
CA TYR A 108 5.17 -17.11 -9.06
C TYR A 108 4.70 -15.74 -8.58
N ALA A 109 3.39 -15.51 -8.67
CA ALA A 109 2.80 -14.25 -8.23
C ALA A 109 1.79 -14.50 -7.12
N SER A 110 2.16 -14.11 -5.90
CA SER A 110 1.37 -14.43 -4.71
C SER A 110 0.07 -13.62 -4.61
N LYS A 111 0.08 -12.40 -5.14
CA LYS A 111 -1.05 -11.50 -4.93
C LYS A 111 -2.07 -11.50 -6.06
N GLY A 112 -1.95 -12.45 -6.98
CA GLY A 112 -2.94 -12.62 -8.03
C GLY A 112 -2.83 -11.65 -9.19
N ASN A 113 -3.89 -11.55 -9.99
CA ASN A 113 -3.85 -10.66 -11.14
C ASN A 113 -4.15 -9.21 -10.77
N LEU A 114 -3.89 -8.29 -11.70
CA LEU A 114 -4.02 -6.87 -11.42
C LEU A 114 -5.46 -6.45 -11.14
N ARG A 115 -6.42 -7.13 -11.76
CA ARG A 115 -7.82 -6.82 -11.54
C ARG A 115 -8.22 -7.14 -10.10
N GLU A 116 -7.87 -8.34 -9.65
CA GLU A 116 -8.10 -8.75 -8.26
C GLU A 116 -7.36 -7.85 -7.29
N TYR A 117 -6.09 -7.60 -7.58
CA TYR A 117 -5.22 -6.76 -6.76
C TYR A 117 -5.83 -5.38 -6.53
N LEU A 118 -6.28 -4.75 -7.61
CA LEU A 118 -6.87 -3.42 -7.54
C LEU A 118 -8.19 -3.43 -6.76
N GLN A 119 -9.07 -4.37 -7.10
CA GLN A 119 -10.38 -4.48 -6.46
C GLN A 119 -10.28 -4.67 -4.95
N ALA A 120 -9.32 -5.49 -4.52
CA ALA A 120 -9.16 -5.82 -3.11
C ALA A 120 -8.52 -4.69 -2.32
N ARG A 121 -8.20 -3.59 -3.00
CA ARG A 121 -7.57 -2.46 -2.36
C ARG A 121 -8.37 -1.16 -2.55
N ARG A 122 -9.64 -1.33 -2.90
CA ARG A 122 -10.59 -0.23 -2.94
C ARG A 122 -10.98 0.16 -1.51
N PRO A 123 -11.31 1.44 -1.31
CA PRO A 123 -11.89 1.89 -0.04
C PRO A 123 -13.39 1.62 -0.01
N PRO A 124 -14.03 1.73 1.16
CA PRO A 124 -15.49 1.59 1.20
C PRO A 124 -16.20 2.94 1.19
N ASN A 135 -11.31 -5.86 8.06
CA ASN A 135 -9.93 -6.14 7.73
C ASN A 135 -9.57 -5.70 6.31
N PRO A 136 -9.27 -4.40 6.12
CA PRO A 136 -8.75 -3.94 4.82
C PRO A 136 -7.37 -4.52 4.53
N GLU A 137 -6.88 -4.28 3.32
CA GLU A 137 -5.62 -4.87 2.87
C GLU A 137 -4.54 -3.81 2.70
N GLU A 138 -4.88 -2.79 1.92
CA GLU A 138 -3.94 -1.76 1.48
C GLU A 138 -4.72 -0.73 0.67
N GLN A 139 -4.30 0.53 0.72
CA GLN A 139 -4.83 1.51 -0.21
C GLN A 139 -3.69 2.08 -1.04
N LEU A 140 -3.90 2.12 -2.35
CA LEU A 140 -2.87 2.58 -3.27
C LEU A 140 -2.92 4.09 -3.42
N SER A 141 -1.75 4.74 -3.30
CA SER A 141 -1.65 6.16 -3.54
C SER A 141 -1.79 6.44 -5.04
N SER A 142 -1.87 7.72 -5.40
CA SER A 142 -1.95 8.09 -6.80
C SER A 142 -0.65 7.70 -7.51
N LYS A 143 0.47 7.85 -6.82
CA LYS A 143 1.76 7.45 -7.36
C LYS A 143 1.80 5.94 -7.59
N ASP A 144 1.18 5.19 -6.69
CA ASP A 144 1.11 3.73 -6.81
C ASP A 144 0.44 3.29 -8.10
N LEU A 145 -0.70 3.90 -8.41
CA LEU A 145 -1.48 3.53 -9.59
C LEU A 145 -0.75 3.84 -10.88
N VAL A 146 -0.14 5.02 -10.95
CA VAL A 146 0.64 5.40 -12.12
C VAL A 146 1.87 4.49 -12.23
N SER A 147 2.40 4.08 -11.09
CA SER A 147 3.55 3.18 -11.06
C SER A 147 3.17 1.82 -11.64
N CYS A 148 1.96 1.36 -11.37
CA CYS A 148 1.44 0.13 -11.96
C CYS A 148 1.41 0.26 -13.48
N ALA A 149 0.91 1.40 -13.96
CA ALA A 149 0.83 1.68 -15.38
C ALA A 149 2.20 1.68 -16.03
N TYR A 150 3.16 2.31 -15.35
CA TYR A 150 4.54 2.38 -15.82
C TYR A 150 5.15 1.00 -16.00
N GLN A 151 4.96 0.14 -14.99
CA GLN A 151 5.52 -1.21 -15.00
C GLN A 151 4.97 -2.06 -16.15
N VAL A 152 3.66 -1.97 -16.39
CA VAL A 152 3.03 -2.71 -17.47
C VAL A 152 3.52 -2.19 -18.82
N ALA A 153 3.61 -0.88 -18.95
CA ALA A 153 4.14 -0.25 -20.15
C ALA A 153 5.56 -0.71 -20.43
N ARG A 154 6.38 -0.74 -19.37
CA ARG A 154 7.77 -1.14 -19.49
C ARG A 154 7.88 -2.61 -19.91
N GLY A 155 6.98 -3.43 -19.39
CA GLY A 155 6.93 -4.82 -19.77
C GLY A 155 6.54 -4.98 -21.24
N MET A 156 5.50 -4.26 -21.64
CA MET A 156 5.02 -4.32 -23.02
C MET A 156 6.05 -3.76 -24.00
N GLU A 157 6.80 -2.74 -23.56
CA GLU A 157 7.86 -2.18 -24.40
C GLU A 157 8.90 -3.25 -24.72
N TYR A 158 9.29 -4.00 -23.69
CA TYR A 158 10.26 -5.07 -23.89
C TYR A 158 9.71 -6.14 -24.83
N LEU A 159 8.47 -6.54 -24.58
CA LEU A 159 7.83 -7.55 -25.42
C LEU A 159 7.72 -7.10 -26.87
N ALA A 160 7.34 -5.84 -27.06
CA ALA A 160 7.24 -5.27 -28.40
C ALA A 160 8.59 -5.30 -29.11
N SER A 161 9.65 -4.97 -28.38
CA SER A 161 11.00 -4.95 -28.94
C SER A 161 11.45 -6.34 -29.35
N LYS A 162 10.84 -7.37 -28.75
CA LYS A 162 11.13 -8.74 -29.13
C LYS A 162 10.08 -9.23 -30.13
N LYS A 163 9.48 -8.28 -30.84
CA LYS A 163 8.51 -8.54 -31.90
C LYS A 163 7.35 -9.43 -31.42
N CYS A 164 7.03 -9.31 -30.13
CA CYS A 164 5.96 -10.10 -29.55
C CYS A 164 4.67 -9.29 -29.46
N ILE A 165 3.60 -9.83 -30.00
CA ILE A 165 2.31 -9.20 -29.94
C ILE A 165 1.45 -9.98 -28.98
N HIS A 166 0.94 -9.32 -27.97
CA HIS A 166 0.11 -9.97 -26.99
C HIS A 166 -1.26 -10.21 -27.54
N ARG A 167 -1.86 -11.32 -27.20
CA ARG A 167 -3.18 -11.57 -27.70
C ARG A 167 -4.32 -10.90 -26.90
N ASP A 168 -4.19 -10.83 -25.59
CA ASP A 168 -5.21 -10.27 -24.75
C ASP A 168 -4.59 -9.47 -23.65
N LEU A 169 -4.04 -8.31 -23.95
CA LEU A 169 -3.46 -7.50 -22.91
C LEU A 169 -4.55 -6.87 -22.08
N ALA A 170 -4.60 -7.22 -20.82
CA ALA A 170 -5.61 -6.73 -19.89
C ALA A 170 -5.12 -6.94 -18.46
N ALA A 171 -5.83 -6.35 -17.50
CA ALA A 171 -5.44 -6.45 -16.09
C ALA A 171 -5.43 -7.90 -15.60
N ARG A 172 -6.35 -8.70 -16.14
CA ARG A 172 -6.45 -10.11 -15.79
C ARG A 172 -5.18 -10.88 -16.15
N ASN A 173 -4.49 -10.41 -17.19
CA ASN A 173 -3.25 -11.06 -17.63
C ASN A 173 -2.00 -10.32 -17.16
N VAL A 174 -2.17 -9.48 -16.14
CA VAL A 174 -1.04 -8.90 -15.43
C VAL A 174 -1.02 -9.47 -14.02
N LEU A 175 0.10 -10.03 -13.61
CA LEU A 175 0.21 -10.65 -12.30
C LEU A 175 1.07 -9.82 -11.36
N VAL A 176 0.81 -9.92 -10.05
CA VAL A 176 1.50 -9.12 -9.06
C VAL A 176 2.25 -9.99 -8.05
N THR A 177 3.53 -9.70 -7.86
CA THR A 177 4.36 -10.46 -6.93
C THR A 177 4.25 -9.95 -5.51
N GLU A 178 4.98 -10.60 -4.60
CA GLU A 178 5.03 -10.21 -3.20
C GLU A 178 5.58 -8.79 -3.04
N ASP A 179 6.47 -8.40 -3.94
CA ASP A 179 7.09 -7.08 -3.89
C ASP A 179 6.31 -6.06 -4.70
N ASN A 180 5.08 -6.42 -5.06
CA ASN A 180 4.21 -5.58 -5.88
C ASN A 180 4.85 -5.24 -7.23
N VAL A 181 5.47 -6.24 -7.84
CA VAL A 181 6.00 -6.10 -9.18
C VAL A 181 4.99 -6.59 -10.20
N MET A 182 4.59 -5.71 -11.11
CA MET A 182 3.66 -6.10 -12.18
C MET A 182 4.37 -6.99 -13.19
N LYS A 183 3.79 -8.14 -13.47
CA LYS A 183 4.36 -9.05 -14.46
C LYS A 183 3.32 -9.49 -15.48
N ILE A 184 3.62 -9.26 -16.75
CA ILE A 184 2.73 -9.62 -17.84
C ILE A 184 2.75 -11.13 -18.09
N ALA A 185 1.57 -11.72 -18.27
CA ALA A 185 1.45 -13.16 -18.49
C ALA A 185 0.82 -13.49 -19.84
N ASP A 186 0.91 -14.76 -20.21
CA ASP A 186 0.30 -15.28 -21.45
C ASP A 186 0.76 -14.54 -22.71
N PHE A 187 2.02 -14.17 -22.75
CA PHE A 187 2.53 -13.49 -23.89
C PHE A 187 3.24 -14.43 -24.81
N GLY A 188 3.22 -15.72 -24.52
CA GLY A 188 3.90 -16.68 -25.36
C GLY A 188 2.97 -17.61 -26.06
N LEU A 189 1.75 -17.18 -26.28
CA LEU A 189 0.78 -18.01 -26.94
C LEU A 189 0.65 -17.64 -28.39
N ALA A 190 -0.04 -18.49 -29.14
CA ALA A 190 -0.23 -18.28 -30.57
C ALA A 190 -1.61 -17.80 -30.95
N ARG A 191 -1.66 -17.07 -32.06
CA ARG A 191 -2.92 -16.57 -32.58
C ARG A 191 -3.80 -17.78 -32.91
N ASP A 192 -4.80 -18.03 -32.06
CA ASP A 192 -5.69 -19.15 -32.25
C ASP A 192 -6.41 -19.06 -33.58
N ILE A 193 -6.05 -20.00 -34.46
CA ILE A 193 -6.60 -20.16 -35.81
C ILE A 193 -7.26 -18.96 -36.48
N HIS A 194 -8.53 -18.77 -36.17
CA HIS A 194 -9.31 -17.68 -36.71
C HIS A 194 -10.37 -17.37 -35.71
N HIS A 195 -11.31 -18.31 -35.61
CA HIS A 195 -12.46 -18.23 -34.73
C HIS A 195 -12.06 -17.77 -33.36
N ILE A 196 -12.10 -16.46 -33.17
CA ILE A 196 -11.71 -15.92 -31.85
C ILE A 196 -12.84 -16.14 -30.85
N ASP A 197 -14.07 -16.27 -31.34
CA ASP A 197 -15.29 -16.47 -30.51
C ASP A 197 -15.64 -15.31 -29.56
N TYR A 198 -16.12 -14.22 -30.14
CA TYR A 198 -16.36 -12.92 -29.47
C TYR A 198 -17.35 -13.02 -28.31
N TYR A 199 -18.18 -14.06 -28.26
CA TYR A 199 -19.20 -14.18 -27.18
C TYR A 199 -18.67 -14.90 -25.95
N LYS A 200 -17.50 -15.55 -26.06
CA LYS A 200 -16.95 -16.25 -24.92
C LYS A 200 -16.51 -15.27 -23.84
N LYS A 201 -17.03 -15.43 -22.63
CA LYS A 201 -16.67 -14.57 -21.51
C LYS A 201 -15.53 -15.16 -20.70
N THR A 202 -14.87 -14.32 -19.91
CA THR A 202 -13.84 -14.80 -18.99
C THR A 202 -14.51 -15.42 -17.77
N THR A 203 -13.71 -16.00 -16.88
CA THR A 203 -14.25 -16.65 -15.69
C THR A 203 -14.93 -15.63 -14.76
N ASN A 204 -14.57 -14.36 -14.91
CA ASN A 204 -15.18 -13.31 -14.11
C ASN A 204 -16.39 -12.70 -14.82
N GLY A 205 -16.73 -13.25 -15.98
CA GLY A 205 -17.93 -12.86 -16.70
C GLY A 205 -17.81 -11.58 -17.52
N ARG A 206 -16.63 -11.32 -18.04
CA ARG A 206 -16.42 -10.16 -18.92
C ARG A 206 -16.09 -10.61 -20.34
N LEU A 207 -16.31 -9.72 -21.30
CA LEU A 207 -16.01 -9.99 -22.70
C LEU A 207 -14.67 -9.41 -23.10
N PRO A 208 -13.67 -10.28 -23.35
CA PRO A 208 -12.33 -9.87 -23.76
C PRO A 208 -12.32 -9.04 -25.05
N VAL A 209 -13.41 -9.14 -25.81
CA VAL A 209 -13.57 -8.39 -27.05
C VAL A 209 -13.56 -6.87 -26.81
N LYS A 210 -13.81 -6.48 -25.56
CA LYS A 210 -13.84 -5.07 -25.19
C LYS A 210 -12.45 -4.50 -24.95
N TRP A 211 -11.43 -5.33 -25.11
CA TRP A 211 -10.05 -4.88 -25.01
C TRP A 211 -9.40 -4.81 -26.38
N MET A 212 -10.14 -5.21 -27.41
CA MET A 212 -9.60 -5.33 -28.76
C MET A 212 -9.66 -4.04 -29.56
N ALA A 213 -8.56 -3.75 -30.25
CA ALA A 213 -8.51 -2.64 -31.19
C ALA A 213 -9.50 -2.89 -32.33
N PRO A 214 -10.05 -1.82 -32.91
CA PRO A 214 -11.03 -1.95 -33.99
C PRO A 214 -10.49 -2.70 -35.21
N GLU A 215 -9.24 -2.42 -35.60
CA GLU A 215 -8.65 -3.08 -36.76
C GLU A 215 -8.42 -4.57 -36.49
N ALA A 216 -8.21 -4.90 -35.21
CA ALA A 216 -8.06 -6.30 -34.82
C ALA A 216 -9.42 -6.96 -34.73
N LEU A 217 -10.44 -6.16 -34.42
CA LEU A 217 -11.78 -6.65 -34.21
C LEU A 217 -12.55 -6.82 -35.52
N PHE A 218 -12.41 -5.84 -36.41
CA PHE A 218 -13.18 -5.82 -37.64
C PHE A 218 -12.40 -6.40 -38.83
N ASP A 219 -11.10 -6.17 -38.85
CA ASP A 219 -10.27 -6.59 -39.98
C ASP A 219 -9.25 -7.65 -39.56
N ARG A 220 -9.35 -8.13 -38.34
CA ARG A 220 -8.46 -9.16 -37.84
C ARG A 220 -6.99 -8.81 -37.98
N ILE A 221 -6.67 -7.54 -37.94
CA ILE A 221 -5.28 -7.10 -38.09
C ILE A 221 -4.66 -6.86 -36.72
N TYR A 222 -3.63 -7.61 -36.41
CA TYR A 222 -2.96 -7.46 -35.14
C TYR A 222 -1.56 -6.96 -35.30
N THR A 223 -1.30 -5.79 -34.75
CA THR A 223 0.03 -5.20 -34.74
C THR A 223 0.36 -4.77 -33.32
N HIS A 224 1.55 -4.21 -33.14
CA HIS A 224 1.92 -3.66 -31.83
C HIS A 224 1.01 -2.49 -31.48
N GLN A 225 0.48 -1.84 -32.50
CA GLN A 225 -0.39 -0.68 -32.32
C GLN A 225 -1.75 -1.09 -31.72
N SER A 226 -2.21 -2.29 -32.05
CA SER A 226 -3.45 -2.79 -31.48
C SER A 226 -3.28 -3.10 -30.00
N ASP A 227 -2.07 -3.49 -29.61
CA ASP A 227 -1.76 -3.71 -28.20
C ASP A 227 -1.80 -2.41 -27.41
N VAL A 228 -1.40 -1.32 -28.05
CA VAL A 228 -1.45 0.00 -27.43
C VAL A 228 -2.89 0.39 -27.12
N TRP A 229 -3.80 0.01 -28.02
CA TRP A 229 -5.22 0.19 -27.78
C TRP A 229 -5.63 -0.54 -26.51
N SER A 230 -5.18 -1.78 -26.38
CA SER A 230 -5.51 -2.60 -25.23
C SER A 230 -4.91 -2.01 -23.95
N PHE A 231 -3.69 -1.48 -24.06
CA PHE A 231 -3.05 -0.83 -22.92
C PHE A 231 -3.89 0.35 -22.44
N GLY A 232 -4.55 1.01 -23.38
CA GLY A 232 -5.46 2.11 -23.06
C GLY A 232 -6.61 1.64 -22.21
N VAL A 233 -7.20 0.49 -22.58
CA VAL A 233 -8.27 -0.10 -21.80
C VAL A 233 -7.75 -0.56 -20.44
N LEU A 234 -6.50 -1.01 -20.41
CA LEU A 234 -5.87 -1.44 -19.17
C LEU A 234 -5.65 -0.24 -18.25
N LEU A 235 -5.25 0.89 -18.84
CA LEU A 235 -5.09 2.13 -18.08
C LEU A 235 -6.39 2.52 -17.40
N TRP A 236 -7.50 2.34 -18.13
CA TRP A 236 -8.82 2.63 -17.61
C TRP A 236 -9.17 1.68 -16.46
N GLU A 237 -8.74 0.42 -16.59
CA GLU A 237 -8.93 -0.56 -15.52
C GLU A 237 -8.21 -0.17 -14.25
N ILE A 238 -7.02 0.40 -14.40
CA ILE A 238 -6.18 0.74 -13.26
C ILE A 238 -6.78 1.87 -12.44
N PHE A 239 -7.25 2.91 -13.12
CA PHE A 239 -7.72 4.09 -12.43
C PHE A 239 -9.20 4.01 -12.06
N THR A 240 -9.86 2.94 -12.48
CA THR A 240 -11.18 2.61 -11.96
C THR A 240 -11.05 1.49 -10.93
N LEU A 241 -9.81 1.24 -10.51
CA LEU A 241 -9.49 0.24 -9.49
C LEU A 241 -10.10 -1.13 -9.80
N GLY A 242 -9.92 -1.58 -11.04
CA GLY A 242 -10.43 -2.88 -11.45
C GLY A 242 -11.85 -2.82 -11.99
N GLY A 243 -12.24 -1.63 -12.48
CA GLY A 243 -13.57 -1.45 -13.03
C GLY A 243 -13.79 -2.24 -14.30
N SER A 244 -15.04 -2.60 -14.55
CA SER A 244 -15.40 -3.37 -15.73
C SER A 244 -15.77 -2.46 -16.90
N PRO A 245 -15.05 -2.61 -18.03
CA PRO A 245 -15.31 -1.80 -19.22
C PRO A 245 -16.68 -2.09 -19.83
N TYR A 246 -17.42 -1.02 -20.13
CA TYR A 246 -18.75 -1.12 -20.75
C TYR A 246 -19.69 -2.12 -20.07
N PRO A 247 -20.06 -1.85 -18.81
CA PRO A 247 -20.97 -2.76 -18.11
C PRO A 247 -22.34 -2.86 -18.79
N GLY A 248 -22.84 -4.08 -18.93
CA GLY A 248 -24.14 -4.31 -19.51
C GLY A 248 -24.20 -4.19 -21.01
N VAL A 249 -23.03 -4.09 -21.65
CA VAL A 249 -22.99 -3.92 -23.09
C VAL A 249 -22.64 -5.22 -23.81
N PRO A 250 -23.62 -5.77 -24.55
CA PRO A 250 -23.42 -7.00 -25.33
C PRO A 250 -22.51 -6.76 -26.53
N VAL A 251 -22.04 -7.85 -27.15
CA VAL A 251 -21.08 -7.77 -28.24
C VAL A 251 -21.61 -6.94 -29.41
N GLU A 252 -22.85 -7.17 -29.79
CA GLU A 252 -23.46 -6.48 -30.94
C GLU A 252 -23.48 -4.97 -30.75
N GLU A 253 -23.79 -4.54 -29.53
CA GLU A 253 -23.88 -3.11 -29.22
C GLU A 253 -22.50 -2.48 -29.09
N LEU A 254 -21.52 -3.26 -28.68
CA LEU A 254 -20.14 -2.78 -28.60
C LEU A 254 -19.64 -2.40 -29.98
N PHE A 255 -19.93 -3.26 -30.96
CA PHE A 255 -19.57 -3.00 -32.36
C PHE A 255 -20.16 -1.68 -32.84
N LYS A 256 -21.44 -1.47 -32.53
CA LYS A 256 -22.12 -0.23 -32.90
C LYS A 256 -21.44 0.98 -32.27
N LEU A 257 -21.11 0.85 -30.99
CA LEU A 257 -20.45 1.92 -30.26
C LEU A 257 -19.08 2.25 -30.87
N LEU A 258 -18.34 1.21 -31.25
CA LEU A 258 -17.03 1.39 -31.84
C LEU A 258 -17.10 2.05 -33.21
N LYS A 259 -18.06 1.61 -34.02
CA LYS A 259 -18.25 2.17 -35.36
C LYS A 259 -18.65 3.64 -35.30
N GLU A 260 -19.29 4.04 -34.21
CA GLU A 260 -19.72 5.41 -34.02
C GLU A 260 -18.62 6.25 -33.36
N GLY A 261 -17.51 5.62 -33.03
CA GLY A 261 -16.37 6.31 -32.46
C GLY A 261 -16.53 6.67 -31.00
N HIS A 262 -17.35 5.90 -30.29
CA HIS A 262 -17.55 6.13 -28.86
C HIS A 262 -16.30 5.75 -28.07
N ARG A 263 -16.07 6.45 -26.97
CA ARG A 263 -14.94 6.17 -26.09
C ARG A 263 -15.41 6.15 -24.64
N MET A 264 -14.75 5.34 -23.81
CA MET A 264 -15.09 5.26 -22.39
C MET A 264 -14.90 6.60 -21.70
N ASP A 265 -15.63 6.82 -20.61
CA ASP A 265 -15.58 8.08 -19.89
C ASP A 265 -14.34 8.16 -19.00
N LYS A 266 -14.00 9.37 -18.58
CA LYS A 266 -12.87 9.55 -17.66
C LYS A 266 -13.22 9.03 -16.28
N PRO A 267 -12.39 8.11 -15.75
CA PRO A 267 -12.50 7.63 -14.37
C PRO A 267 -12.50 8.78 -13.37
N SER A 268 -13.09 8.59 -12.21
CA SER A 268 -13.28 9.67 -11.25
C SER A 268 -11.96 10.26 -10.73
N ASN A 269 -11.09 9.41 -10.19
CA ASN A 269 -9.84 9.91 -9.61
C ASN A 269 -8.74 10.13 -10.64
N CYS A 270 -9.11 10.05 -11.92
CA CYS A 270 -8.13 10.12 -13.00
C CYS A 270 -7.85 11.55 -13.45
N THR A 271 -6.57 11.91 -13.47
CA THR A 271 -6.15 13.23 -13.94
C THR A 271 -6.42 13.36 -15.44
N ASN A 272 -6.54 14.59 -15.92
CA ASN A 272 -6.81 14.84 -17.33
C ASN A 272 -5.67 14.37 -18.21
N GLU A 273 -4.44 14.50 -17.71
CA GLU A 273 -3.26 14.05 -18.43
C GLU A 273 -3.34 12.57 -18.75
N LEU A 274 -3.72 11.78 -17.75
CA LEU A 274 -3.82 10.33 -17.90
C LEU A 274 -4.99 9.93 -18.79
N TYR A 275 -6.08 10.67 -18.72
CA TYR A 275 -7.23 10.38 -19.57
C TYR A 275 -6.88 10.69 -21.02
N MET A 276 -6.06 11.72 -21.23
CA MET A 276 -5.58 12.05 -22.56
C MET A 276 -4.72 10.92 -23.12
N MET A 277 -3.95 10.29 -22.23
CA MET A 277 -3.10 9.16 -22.60
C MET A 277 -3.95 7.99 -23.09
N MET A 278 -5.03 7.71 -22.36
CA MET A 278 -5.97 6.66 -22.75
C MET A 278 -6.54 6.95 -24.13
N ARG A 279 -7.03 8.17 -24.31
CA ARG A 279 -7.63 8.60 -25.56
C ARG A 279 -6.63 8.52 -26.72
N ASP A 280 -5.37 8.83 -26.44
CA ASP A 280 -4.31 8.71 -27.43
C ASP A 280 -4.10 7.25 -27.81
N CYS A 281 -4.17 6.37 -26.82
CA CYS A 281 -4.06 4.93 -27.06
C CYS A 281 -5.25 4.44 -27.88
N TRP A 282 -6.39 5.11 -27.75
CA TRP A 282 -7.60 4.72 -28.45
C TRP A 282 -7.80 5.50 -29.75
N HIS A 283 -6.72 6.00 -30.33
CA HIS A 283 -6.83 6.71 -31.60
C HIS A 283 -7.39 5.77 -32.66
N ALA A 284 -8.29 6.29 -33.49
CA ALA A 284 -8.91 5.48 -34.53
C ALA A 284 -7.87 5.03 -35.55
N VAL A 285 -6.89 5.90 -35.80
CA VAL A 285 -5.81 5.57 -36.73
C VAL A 285 -4.65 4.96 -35.97
N PRO A 286 -4.37 3.66 -36.23
CA PRO A 286 -3.33 2.89 -35.54
C PRO A 286 -1.95 3.54 -35.60
N SER A 287 -1.64 4.20 -36.72
CA SER A 287 -0.34 4.84 -36.88
C SER A 287 -0.18 6.07 -36.00
N GLN A 288 -1.31 6.58 -35.50
CA GLN A 288 -1.31 7.81 -34.73
C GLN A 288 -1.30 7.56 -33.22
N ARG A 289 -1.46 6.30 -32.84
CA ARG A 289 -1.34 5.92 -31.43
C ARG A 289 0.11 6.05 -31.00
N PRO A 290 0.33 6.33 -29.71
CA PRO A 290 1.71 6.38 -29.21
C PRO A 290 2.35 4.99 -29.22
N THR A 291 3.67 4.94 -29.15
CA THR A 291 4.35 3.66 -29.00
C THR A 291 4.51 3.35 -27.52
N PHE A 292 4.85 2.12 -27.19
CA PHE A 292 5.09 1.76 -25.81
C PHE A 292 6.32 2.47 -25.28
N LYS A 293 7.25 2.78 -26.18
CA LYS A 293 8.44 3.55 -25.83
C LYS A 293 8.05 4.96 -25.37
N GLN A 294 7.12 5.57 -26.10
CA GLN A 294 6.60 6.88 -25.73
C GLN A 294 5.88 6.81 -24.39
N LEU A 295 5.02 5.80 -24.27
CA LEU A 295 4.21 5.61 -23.06
C LEU A 295 5.08 5.41 -21.83
N VAL A 296 6.15 4.64 -21.96
CA VAL A 296 7.08 4.42 -20.84
C VAL A 296 7.72 5.73 -20.41
N GLU A 297 8.17 6.53 -21.39
CA GLU A 297 8.81 7.80 -21.11
C GLU A 297 7.87 8.78 -20.41
N ASP A 298 6.65 8.89 -20.91
CA ASP A 298 5.66 9.78 -20.32
C ASP A 298 5.28 9.35 -18.91
N LEU A 299 4.95 8.06 -18.76
CA LEU A 299 4.57 7.51 -17.47
C LEU A 299 5.68 7.64 -16.45
N ASP A 300 6.92 7.56 -16.91
CA ASP A 300 8.08 7.75 -16.04
C ASP A 300 8.07 9.15 -15.44
N ARG A 301 7.83 10.14 -16.29
CA ARG A 301 7.78 11.54 -15.89
C ARG A 301 6.60 11.81 -14.97
N ILE A 302 5.47 11.17 -15.24
CA ILE A 302 4.25 11.39 -14.47
C ILE A 302 4.37 10.81 -13.06
N VAL A 303 4.96 9.63 -12.93
CA VAL A 303 5.19 9.02 -11.62
C VAL A 303 6.00 9.95 -10.72
N ALA A 304 7.08 10.49 -11.28
CA ALA A 304 7.97 11.39 -10.56
C ALA A 304 7.22 12.63 -10.07
N LEU A 305 6.19 13.02 -10.80
CA LEU A 305 5.45 14.24 -10.51
C LEU A 305 4.08 13.98 -9.90
N THR A 306 3.81 12.73 -9.56
CA THR A 306 2.51 12.36 -8.97
C THR A 306 2.64 12.25 -7.44
N SER A 307 1.69 12.86 -6.74
CA SER A 307 1.71 12.92 -5.29
C SER A 307 1.62 11.55 -4.61
N ASN A 308 2.34 11.39 -3.51
CA ASN A 308 2.30 10.17 -2.72
C ASN A 308 1.29 10.30 -1.57
N GLN A 309 0.65 11.46 -1.48
CA GLN A 309 -0.26 11.75 -0.38
C GLN A 309 -1.71 11.74 -0.85
N GLY B 1 -3.34 -20.38 15.88
CA GLY B 1 -4.40 -19.42 15.64
C GLY B 1 -3.92 -18.18 14.92
N PRO B 2 -4.47 -17.01 15.29
CA PRO B 2 -4.11 -15.73 14.66
C PRO B 2 -2.66 -15.32 14.91
N ALA B 3 -2.06 -15.80 16.00
CA ALA B 3 -0.66 -15.47 16.29
C ALA B 3 0.29 -16.52 15.73
N GLY B 4 -0.26 -17.53 15.08
CA GLY B 4 0.55 -18.57 14.48
C GLY B 4 1.40 -19.32 15.49
N VAL B 5 2.69 -19.45 15.20
CA VAL B 5 3.61 -20.14 16.09
C VAL B 5 3.82 -19.37 17.39
N SER B 6 3.48 -18.08 17.38
CA SER B 6 3.68 -17.23 18.56
C SER B 6 2.71 -17.57 19.67
N GLU B 7 1.76 -18.47 19.39
CA GLU B 7 0.88 -19.01 20.42
C GLU B 7 1.71 -19.72 21.48
N TYR B 8 2.79 -20.36 21.04
CA TYR B 8 3.65 -21.13 21.94
C TYR B 8 5.07 -20.58 22.00
N GLU B 9 5.53 -19.99 20.90
CA GLU B 9 6.88 -19.43 20.86
C GLU B 9 7.01 -18.37 19.78
N LEU B 10 7.47 -17.18 20.17
CA LEU B 10 7.68 -16.09 19.23
C LEU B 10 9.01 -16.25 18.51
N PRO B 11 9.06 -15.89 17.22
CA PRO B 11 10.32 -15.88 16.48
C PRO B 11 11.26 -14.85 17.07
N GLU B 12 12.57 -15.13 17.09
CA GLU B 12 13.49 -14.20 17.74
C GLU B 12 14.04 -13.20 16.73
N ASP B 13 14.48 -12.06 17.26
CA ASP B 13 15.14 -11.01 16.50
C ASP B 13 16.26 -10.44 17.35
N PRO B 14 17.43 -11.11 17.34
CA PRO B 14 18.56 -10.83 18.24
C PRO B 14 18.96 -9.36 18.34
N ARG B 15 18.91 -8.63 17.24
CA ARG B 15 19.31 -7.23 17.21
C ARG B 15 18.44 -6.38 18.14
N TRP B 16 17.16 -6.73 18.22
CA TRP B 16 16.21 -5.99 19.06
C TRP B 16 16.02 -6.63 20.43
N GLU B 17 16.36 -7.92 20.53
CA GLU B 17 16.09 -8.68 21.74
C GLU B 17 16.90 -8.19 22.93
N LEU B 18 16.28 -8.22 24.11
CA LEU B 18 16.93 -7.80 25.35
C LEU B 18 16.63 -8.79 26.47
N PRO B 19 17.68 -9.18 27.22
CA PRO B 19 17.54 -10.07 28.39
C PRO B 19 16.59 -9.50 29.44
N ARG B 20 15.71 -10.35 29.96
CA ARG B 20 14.70 -9.92 30.92
C ARG B 20 15.31 -9.45 32.24
N ASP B 21 16.47 -9.98 32.58
CA ASP B 21 17.13 -9.63 33.83
C ASP B 21 17.77 -8.24 33.74
N ARG B 22 17.70 -7.66 32.56
CA ARG B 22 18.23 -6.35 32.33
C ARG B 22 17.11 -5.33 32.17
N LEU B 23 15.91 -5.69 32.60
CA LEU B 23 14.74 -4.83 32.50
C LEU B 23 13.94 -4.88 33.80
N VAL B 24 13.84 -3.73 34.47
CA VAL B 24 13.12 -3.67 35.74
C VAL B 24 11.81 -2.89 35.59
N LEU B 25 10.71 -3.62 35.54
CA LEU B 25 9.39 -3.03 35.34
C LEU B 25 8.96 -2.19 36.53
N GLY B 26 8.13 -1.18 36.27
CA GLY B 26 7.66 -0.29 37.31
C GLY B 26 6.16 -0.07 37.26
N LYS B 27 5.72 1.11 37.68
CA LYS B 27 4.30 1.43 37.74
C LYS B 27 3.75 1.85 36.38
N PRO B 28 2.44 1.62 36.16
CA PRO B 28 1.77 2.07 34.94
C PRO B 28 1.90 3.57 34.74
N LEU B 29 2.01 4.00 33.49
CA LEU B 29 2.16 5.41 33.17
C LEU B 29 0.82 6.13 33.25
N GLY B 30 0.86 7.46 33.31
CA GLY B 30 -0.35 8.25 33.39
C GLY B 30 -1.02 8.15 34.74
N GLU B 31 -2.23 7.59 34.76
CA GLU B 31 -3.01 7.52 35.98
C GLU B 31 -3.40 6.08 36.33
N GLY B 32 -3.24 5.16 35.40
CA GLY B 32 -3.37 3.75 35.69
C GLY B 32 -4.41 2.97 34.91
N CYS B 33 -5.20 3.66 34.10
CA CYS B 33 -6.27 3.01 33.33
C CYS B 33 -5.72 2.05 32.29
N PHE B 34 -4.61 2.43 31.68
CA PHE B 34 -3.93 1.56 30.72
C PHE B 34 -2.67 0.98 31.34
N GLY B 35 -2.83 -0.10 32.11
CA GLY B 35 -1.71 -0.74 32.78
C GLY B 35 -0.90 -1.62 31.85
N GLN B 36 -1.21 -1.54 30.57
CA GLN B 36 -0.48 -2.30 29.55
C GLN B 36 0.83 -1.62 29.22
N VAL B 37 0.96 -0.37 29.64
CA VAL B 37 2.19 0.40 29.44
C VAL B 37 2.71 0.91 30.78
N VAL B 38 3.92 0.48 31.14
CA VAL B 38 4.50 0.86 32.42
C VAL B 38 5.84 1.57 32.25
N LEU B 39 6.22 2.35 33.26
CA LEU B 39 7.56 2.89 33.33
C LEU B 39 8.51 1.74 33.66
N ALA B 40 9.73 1.80 33.13
CA ALA B 40 10.69 0.74 33.39
C ALA B 40 12.13 1.23 33.32
N GLU B 41 13.04 0.41 33.86
CA GLU B 41 14.46 0.71 33.78
C GLU B 41 15.19 -0.37 32.99
N ALA B 42 15.77 0.03 31.86
CA ALA B 42 16.56 -0.88 31.04
C ALA B 42 18.05 -0.59 31.25
N ILE B 43 18.83 -1.66 31.43
CA ILE B 43 20.24 -1.50 31.78
C ILE B 43 21.12 -1.17 30.57
N GLY B 44 21.40 -2.16 29.75
CA GLY B 44 22.30 -1.93 28.65
C GLY B 44 21.73 -1.84 27.27
N LEU B 45 20.84 -0.89 27.04
CA LEU B 45 20.25 -0.74 25.73
C LEU B 45 21.32 -0.48 24.72
N ASP B 46 22.18 0.46 25.03
CA ASP B 46 23.29 0.84 24.17
C ASP B 46 24.33 -0.24 24.13
N LYS B 47 24.72 -0.60 22.92
CA LYS B 47 25.71 -1.64 22.65
C LYS B 47 26.95 -1.51 23.51
N ASP B 48 27.50 -0.31 23.52
CA ASP B 48 28.67 -0.05 24.30
C ASP B 48 28.29 0.92 25.39
N LYS B 49 27.61 0.37 26.41
CA LYS B 49 27.12 1.05 27.62
C LYS B 49 26.47 0.05 28.56
N PRO B 50 26.87 -1.21 28.47
CA PRO B 50 26.43 -2.40 29.18
C PRO B 50 25.76 -2.19 30.51
N ASN B 51 26.02 -1.08 31.19
CA ASN B 51 25.38 -0.85 32.49
C ASN B 51 24.85 0.57 32.66
N ARG B 52 24.39 1.19 31.59
CA ARG B 52 23.88 2.55 31.64
C ARG B 52 22.35 2.58 31.69
N VAL B 53 21.79 2.56 32.90
CA VAL B 53 20.34 2.46 33.08
C VAL B 53 19.59 3.57 32.36
N THR B 54 18.54 3.18 31.64
CA THR B 54 17.73 4.12 30.87
C THR B 54 16.26 3.98 31.25
N LYS B 55 15.63 5.09 31.60
CA LYS B 55 14.20 5.09 31.86
C LYS B 55 13.45 4.89 30.55
N VAL B 56 12.62 3.86 30.50
CA VAL B 56 11.88 3.54 29.28
C VAL B 56 10.43 3.19 29.57
N ALA B 57 9.62 3.10 28.51
CA ALA B 57 8.26 2.63 28.63
C ALA B 57 8.15 1.23 28.02
N VAL B 58 7.40 0.37 28.68
CA VAL B 58 7.23 -1.01 28.22
C VAL B 58 5.76 -1.32 27.99
N LYS B 59 5.45 -1.83 26.79
CA LYS B 59 4.08 -2.23 26.49
C LYS B 59 3.95 -3.75 26.50
N MET B 60 2.91 -4.23 27.17
CA MET B 60 2.69 -5.66 27.32
C MET B 60 1.21 -6.00 27.22
N LEU B 61 0.91 -7.30 27.12
CA LEU B 61 -0.48 -7.74 27.15
C LEU B 61 -0.98 -7.79 28.58
N LYS B 62 -2.27 -7.51 28.75
CA LYS B 62 -2.91 -7.76 30.04
C LYS B 62 -3.12 -9.26 30.17
N SER B 63 -3.32 -9.73 31.40
CA SER B 63 -3.41 -11.17 31.64
C SER B 63 -4.65 -11.79 31.01
N ASP B 64 -5.62 -10.95 30.66
CA ASP B 64 -6.87 -11.43 30.07
C ASP B 64 -6.84 -11.32 28.54
N ALA B 65 -5.73 -10.89 28.00
CA ALA B 65 -5.59 -10.70 26.55
C ALA B 65 -5.70 -12.02 25.80
N THR B 66 -6.22 -11.95 24.58
CA THR B 66 -6.42 -13.13 23.75
C THR B 66 -5.26 -13.29 22.76
N GLU B 67 -5.31 -14.37 21.97
CA GLU B 67 -4.28 -14.62 20.98
C GLU B 67 -4.29 -13.53 19.91
N LYS B 68 -5.48 -13.02 19.61
CA LYS B 68 -5.63 -11.93 18.65
C LYS B 68 -4.93 -10.67 19.16
N ASP B 69 -5.02 -10.42 20.46
CA ASP B 69 -4.36 -9.29 21.08
C ASP B 69 -2.84 -9.40 20.98
N LEU B 70 -2.32 -10.63 21.05
CA LEU B 70 -0.90 -10.84 20.90
C LEU B 70 -0.46 -10.51 19.48
N SER B 71 -1.27 -10.94 18.51
CA SER B 71 -1.01 -10.64 17.10
C SER B 71 -0.87 -9.15 16.88
N ASP B 72 -1.76 -8.38 17.51
CA ASP B 72 -1.77 -6.93 17.35
C ASP B 72 -0.53 -6.28 17.95
N LEU B 73 -0.15 -6.70 19.16
CA LEU B 73 1.02 -6.16 19.81
C LEU B 73 2.28 -6.49 19.02
N ILE B 74 2.34 -7.72 18.50
CA ILE B 74 3.45 -8.13 17.66
C ILE B 74 3.49 -7.30 16.39
N SER B 75 2.34 -7.18 15.74
CA SER B 75 2.21 -6.38 14.52
C SER B 75 2.66 -4.94 14.75
N GLU B 76 2.31 -4.41 15.91
CA GLU B 76 2.72 -3.05 16.28
C GLU B 76 4.24 -2.95 16.40
N MET B 77 4.84 -3.94 17.05
CA MET B 77 6.29 -3.98 17.21
C MET B 77 7.01 -4.05 15.87
N GLU B 78 6.50 -4.88 14.97
CA GLU B 78 7.11 -5.06 13.66
C GLU B 78 7.04 -3.80 12.81
N MET B 79 5.92 -3.09 12.88
CA MET B 79 5.76 -1.89 12.07
C MET B 79 6.70 -0.79 12.57
N MET B 80 6.94 -0.75 13.88
CA MET B 80 7.87 0.20 14.45
C MET B 80 9.29 -0.12 13.99
N LYS B 81 9.59 -1.40 13.82
CA LYS B 81 10.87 -1.82 13.23
C LYS B 81 11.00 -1.30 11.82
N MET B 82 9.91 -1.40 11.06
CA MET B 82 9.90 -1.06 9.64
C MET B 82 9.92 0.44 9.40
N ILE B 83 9.19 1.19 10.22
CA ILE B 83 9.07 2.63 10.05
C ILE B 83 10.41 3.33 10.30
N GLY B 84 11.13 2.89 11.33
CA GLY B 84 12.45 3.43 11.60
C GLY B 84 12.46 4.51 12.66
N LYS B 85 13.64 5.08 12.91
CA LYS B 85 13.83 6.04 13.98
C LYS B 85 13.67 7.49 13.51
N HIS B 86 13.01 8.29 14.33
CA HIS B 86 12.89 9.72 14.12
C HIS B 86 12.70 10.41 15.45
N LYS B 87 13.30 11.59 15.62
CA LYS B 87 13.30 12.29 16.90
C LYS B 87 11.89 12.64 17.38
N ASN B 88 11.00 12.95 16.45
CA ASN B 88 9.67 13.41 16.81
C ASN B 88 8.61 12.31 16.75
N ILE B 89 9.06 11.06 16.89
CA ILE B 89 8.16 9.93 17.04
C ILE B 89 8.63 9.08 18.22
N ILE B 90 7.71 8.30 18.79
CA ILE B 90 8.08 7.36 19.84
C ILE B 90 8.81 6.19 19.21
N ASN B 91 10.08 6.02 19.55
CA ASN B 91 10.92 5.02 18.89
C ASN B 91 10.97 3.68 19.60
N LEU B 92 11.22 2.63 18.83
CA LEU B 92 11.42 1.30 19.39
C LEU B 92 12.85 1.16 19.90
N LEU B 93 12.99 0.62 21.11
CA LEU B 93 14.30 0.53 21.75
C LEU B 93 14.72 -0.92 21.99
N GLY B 94 13.76 -1.82 22.10
CA GLY B 94 14.06 -3.21 22.36
C GLY B 94 12.82 -4.07 22.58
N ALA B 95 13.04 -5.35 22.84
CA ALA B 95 11.93 -6.28 23.02
C ALA B 95 12.34 -7.53 23.79
N CYS B 96 11.42 -8.01 24.64
CA CYS B 96 11.58 -9.31 25.28
C CYS B 96 10.54 -10.27 24.70
N THR B 97 10.98 -11.08 23.73
CA THR B 97 10.07 -11.95 23.00
C THR B 97 10.17 -13.42 23.40
N GLN B 98 11.25 -13.76 24.09
CA GLN B 98 11.54 -15.16 24.38
C GLN B 98 11.34 -15.52 25.85
N ASP B 99 10.80 -16.72 26.07
CA ASP B 99 10.61 -17.27 27.41
C ASP B 99 9.80 -16.35 28.33
N GLY B 100 8.59 -16.03 27.93
CA GLY B 100 7.71 -15.23 28.75
C GLY B 100 6.88 -14.21 27.98
N PRO B 101 6.20 -13.31 28.71
CA PRO B 101 5.33 -12.28 28.14
C PRO B 101 6.07 -11.34 27.20
N LEU B 102 5.43 -10.98 26.10
CA LEU B 102 6.02 -10.03 25.15
C LEU B 102 6.16 -8.66 25.79
N TYR B 103 7.38 -8.14 25.80
CA TYR B 103 7.63 -6.77 26.25
C TYR B 103 8.13 -5.92 25.09
N VAL B 104 7.36 -4.90 24.73
CA VAL B 104 7.78 -3.99 23.67
C VAL B 104 8.31 -2.70 24.30
N ILE B 105 9.61 -2.48 24.19
CA ILE B 105 10.27 -1.37 24.85
C ILE B 105 10.41 -0.15 23.96
N VAL B 106 9.82 0.96 24.38
CA VAL B 106 9.88 2.20 23.61
C VAL B 106 10.37 3.36 24.46
N GLU B 107 10.57 4.51 23.83
CA GLU B 107 11.05 5.70 24.52
C GLU B 107 10.03 6.18 25.56
N TYR B 108 10.54 6.84 26.60
CA TYR B 108 9.71 7.30 27.71
C TYR B 108 9.52 8.81 27.68
N ALA B 109 8.28 9.24 27.84
CA ALA B 109 7.95 10.66 27.88
C ALA B 109 7.46 11.05 29.26
N SER B 110 8.28 11.83 29.98
CA SER B 110 8.01 12.14 31.38
C SER B 110 6.91 13.17 31.58
N LYS B 111 6.69 14.02 30.58
CA LYS B 111 5.78 15.15 30.75
C LYS B 111 4.39 14.94 30.13
N GLY B 112 3.99 13.69 29.99
CA GLY B 112 2.65 13.36 29.53
C GLY B 112 2.36 13.75 28.10
N ASN B 113 1.08 13.76 27.73
CA ASN B 113 0.71 14.12 26.37
C ASN B 113 0.68 15.64 26.19
N LEU B 114 0.63 16.08 24.93
CA LEU B 114 0.71 17.50 24.62
C LEU B 114 -0.45 18.30 25.19
N ARG B 115 -1.62 17.66 25.27
CA ARG B 115 -2.81 18.32 25.81
C ARG B 115 -2.61 18.65 27.28
N GLU B 116 -2.22 17.65 28.07
CA GLU B 116 -1.92 17.84 29.48
C GLU B 116 -0.78 18.85 29.67
N TYR B 117 0.23 18.70 28.83
CA TYR B 117 1.42 19.55 28.87
C TYR B 117 1.09 21.03 28.73
N LEU B 118 0.22 21.36 27.78
CA LEU B 118 -0.16 22.74 27.52
C LEU B 118 -1.05 23.29 28.64
N GLN B 119 -2.00 22.48 29.10
CA GLN B 119 -2.94 22.90 30.12
C GLN B 119 -2.27 23.24 31.44
N ALA B 120 -1.20 22.53 31.76
CA ALA B 120 -0.50 22.73 33.03
C ALA B 120 0.45 23.93 32.95
N ARG B 121 0.50 24.58 31.79
CA ARG B 121 1.40 25.71 31.59
C ARG B 121 0.67 26.93 31.04
N ARG B 122 -0.64 26.98 31.26
CA ARG B 122 -1.44 28.15 30.89
C ARG B 122 -1.22 29.27 31.90
N PRO B 123 -1.08 30.51 31.42
CA PRO B 123 -0.98 31.67 32.31
C PRO B 123 -2.33 32.00 32.94
N PRO B 124 -2.32 32.37 34.24
CA PRO B 124 -3.55 32.66 34.99
C PRO B 124 -4.37 33.80 34.40
N GLY B 125 -5.60 33.96 34.88
CA GLY B 125 -6.49 35.00 34.41
C GLY B 125 -7.37 34.55 33.28
N GLN B 139 5.72 28.47 31.84
CA GLN B 139 5.07 29.27 30.80
C GLN B 139 5.64 28.97 29.42
N LEU B 140 4.85 29.24 28.39
CA LEU B 140 5.26 28.96 27.01
C LEU B 140 5.09 30.18 26.12
N SER B 141 6.17 30.54 25.43
CA SER B 141 6.14 31.68 24.52
C SER B 141 5.36 31.34 23.25
N SER B 142 5.06 32.37 22.46
CA SER B 142 4.37 32.15 21.20
C SER B 142 5.28 31.42 20.21
N LYS B 143 6.59 31.55 20.40
CA LYS B 143 7.57 30.83 19.59
C LYS B 143 7.56 29.34 19.92
N ASP B 144 7.51 29.03 21.21
CA ASP B 144 7.46 27.66 21.68
C ASP B 144 6.21 26.95 21.15
N LEU B 145 5.09 27.68 21.13
CA LEU B 145 3.85 27.13 20.61
C LEU B 145 3.98 26.78 19.14
N VAL B 146 4.64 27.65 18.38
CA VAL B 146 4.90 27.38 16.97
C VAL B 146 5.97 26.29 16.85
N SER B 147 6.86 26.24 17.83
CA SER B 147 7.90 25.21 17.88
C SER B 147 7.30 23.82 18.04
N CYS B 148 6.32 23.70 18.92
CA CYS B 148 5.65 22.43 19.16
C CYS B 148 4.94 21.95 17.90
N ALA B 149 4.30 22.88 17.19
CA ALA B 149 3.60 22.57 15.96
C ALA B 149 4.56 22.10 14.87
N TYR B 150 5.75 22.70 14.85
CA TYR B 150 6.78 22.34 13.89
C TYR B 150 7.28 20.91 14.12
N GLN B 151 7.51 20.58 15.39
CA GLN B 151 7.98 19.25 15.75
C GLN B 151 6.98 18.17 15.35
N VAL B 152 5.71 18.40 15.67
CA VAL B 152 4.63 17.49 15.30
C VAL B 152 4.57 17.33 13.78
N ALA B 153 4.85 18.42 13.07
CA ALA B 153 4.85 18.41 11.61
C ALA B 153 6.00 17.56 11.06
N ARG B 154 7.19 17.71 11.63
CA ARG B 154 8.35 16.93 11.19
C ARG B 154 8.11 15.44 11.35
N GLY B 155 7.65 15.05 12.55
CA GLY B 155 7.38 13.66 12.84
C GLY B 155 6.34 13.05 11.92
N MET B 156 5.30 13.83 11.63
CA MET B 156 4.25 13.38 10.72
C MET B 156 4.77 13.25 9.29
N GLU B 157 5.64 14.17 8.90
CA GLU B 157 6.27 14.11 7.58
C GLU B 157 7.04 12.80 7.43
N TYR B 158 7.83 12.48 8.45
CA TYR B 158 8.61 11.24 8.45
C TYR B 158 7.69 10.03 8.36
N LEU B 159 6.64 10.02 9.16
CA LEU B 159 5.67 8.93 9.16
C LEU B 159 4.98 8.82 7.80
N ALA B 160 4.71 9.97 7.20
CA ALA B 160 4.11 10.00 5.87
C ALA B 160 5.07 9.40 4.84
N SER B 161 6.35 9.68 5.02
CA SER B 161 7.39 9.19 4.11
C SER B 161 7.63 7.69 4.29
N LYS B 162 7.03 7.12 5.34
CA LYS B 162 7.08 5.69 5.57
C LYS B 162 5.71 5.07 5.32
N LYS B 163 4.88 5.80 4.58
CA LYS B 163 3.53 5.37 4.21
C LYS B 163 2.65 5.08 5.43
N CYS B 164 2.97 5.72 6.55
CA CYS B 164 2.22 5.51 7.78
C CYS B 164 1.11 6.54 7.95
N ILE B 165 -0.11 6.07 8.15
CA ILE B 165 -1.25 6.94 8.40
C ILE B 165 -1.67 6.81 9.86
N HIS B 166 -1.95 7.95 10.50
CA HIS B 166 -2.28 7.96 11.91
C HIS B 166 -3.78 7.79 12.16
N ARG B 167 -4.12 6.84 13.02
CA ARG B 167 -5.50 6.56 13.38
C ARG B 167 -6.22 7.78 13.96
N ASP B 168 -5.48 8.58 14.72
CA ASP B 168 -6.06 9.67 15.49
C ASP B 168 -5.01 10.71 15.86
N LEU B 169 -4.66 11.57 14.92
CA LEU B 169 -3.67 12.61 15.18
C LEU B 169 -4.27 13.73 16.02
N ALA B 170 -3.98 13.71 17.31
CA ALA B 170 -4.45 14.73 18.23
C ALA B 170 -3.39 14.98 19.30
N ALA B 171 -3.57 16.04 20.09
CA ALA B 171 -2.60 16.40 21.12
C ALA B 171 -2.43 15.29 22.15
N ARG B 172 -3.48 14.50 22.34
CA ARG B 172 -3.47 13.39 23.27
C ARG B 172 -2.51 12.29 22.84
N ASN B 173 -2.27 12.19 21.53
CA ASN B 173 -1.38 11.16 21.00
C ASN B 173 0.00 11.72 20.64
N VAL B 174 0.32 12.87 21.23
CA VAL B 174 1.65 13.44 21.12
C VAL B 174 2.26 13.54 22.51
N LEU B 175 3.36 12.84 22.73
CA LEU B 175 3.99 12.79 24.04
C LEU B 175 5.15 13.75 24.14
N VAL B 176 5.39 14.29 25.33
CA VAL B 176 6.45 15.25 25.56
C VAL B 176 7.51 14.70 26.48
N THR B 177 8.76 14.75 26.04
CA THR B 177 9.88 14.22 26.82
C THR B 177 10.36 15.21 27.88
N GLU B 178 11.37 14.81 28.63
CA GLU B 178 11.97 15.67 29.64
C GLU B 178 12.61 16.89 28.98
N ASP B 179 13.13 16.69 27.78
CA ASP B 179 13.77 17.76 27.03
C ASP B 179 12.79 18.50 26.13
N ASN B 180 11.50 18.44 26.50
CA ASN B 180 10.44 19.12 25.78
C ASN B 180 10.38 18.78 24.29
N VAL B 181 10.72 17.54 23.96
CA VAL B 181 10.69 17.08 22.58
C VAL B 181 9.36 16.39 22.27
N MET B 182 8.64 16.90 21.28
CA MET B 182 7.37 16.33 20.89
C MET B 182 7.58 14.99 20.18
N LYS B 183 6.87 13.96 20.65
CA LYS B 183 6.95 12.65 20.01
C LYS B 183 5.56 12.08 19.75
N ILE B 184 5.31 11.74 18.50
CA ILE B 184 4.05 11.14 18.09
C ILE B 184 3.95 9.69 18.55
N ALA B 185 2.80 9.31 19.09
CA ALA B 185 2.58 7.94 19.52
C ALA B 185 1.36 7.35 18.81
N ASP B 186 1.20 6.03 18.93
CA ASP B 186 0.03 5.32 18.42
C ASP B 186 -0.17 5.45 16.91
N PHE B 187 0.93 5.66 16.18
CA PHE B 187 0.86 5.69 14.73
C PHE B 187 0.81 4.27 14.19
N GLY B 188 1.08 3.32 15.08
CA GLY B 188 1.18 1.92 14.69
C GLY B 188 0.13 1.01 15.29
N LEU B 189 -0.80 1.58 16.03
CA LEU B 189 -1.83 0.81 16.71
C LEU B 189 -2.75 0.09 15.72
N ILE B 196 -14.06 2.77 14.56
CA ILE B 196 -15.30 2.71 13.79
C ILE B 196 -16.49 3.26 14.58
N ASP B 197 -16.29 3.47 15.88
CA ASP B 197 -17.35 3.99 16.74
C ASP B 197 -17.21 5.49 16.95
N TYR B 198 -18.26 6.22 16.64
CA TYR B 198 -18.26 7.68 16.73
C TYR B 198 -18.49 8.17 18.15
N TYR B 199 -19.32 7.46 18.90
CA TYR B 199 -19.75 7.92 20.22
C TYR B 199 -18.75 7.57 21.33
N LYS B 200 -17.75 6.77 21.00
CA LYS B 200 -16.72 6.40 21.98
C LYS B 200 -15.89 7.63 22.35
N LYS B 201 -15.98 8.04 23.61
CA LYS B 201 -15.26 9.21 24.07
C LYS B 201 -13.93 8.84 24.70
N THR B 202 -13.01 9.80 24.76
CA THR B 202 -11.73 9.61 25.42
C THR B 202 -11.91 9.55 26.93
N THR B 203 -10.85 9.23 27.64
CA THR B 203 -10.88 9.21 29.11
C THR B 203 -11.15 10.61 29.65
N ASN B 204 -10.69 11.61 28.90
CA ASN B 204 -10.88 13.00 29.30
C ASN B 204 -12.25 13.53 28.86
N GLY B 205 -12.99 12.70 28.14
CA GLY B 205 -14.39 13.01 27.83
C GLY B 205 -14.64 13.72 26.52
N ARG B 206 -13.70 13.65 25.59
CA ARG B 206 -13.88 14.30 24.29
C ARG B 206 -14.21 13.29 23.19
N LEU B 207 -14.79 13.78 22.11
CA LEU B 207 -15.15 12.94 20.97
C LEU B 207 -14.11 13.03 19.86
N PRO B 208 -13.34 11.94 19.67
CA PRO B 208 -12.27 11.85 18.67
C PRO B 208 -12.71 12.17 17.25
N VAL B 209 -13.99 12.00 16.94
CA VAL B 209 -14.52 12.32 15.61
C VAL B 209 -14.30 13.78 15.24
N LYS B 210 -14.17 14.64 16.24
CA LYS B 210 -13.97 16.06 16.03
C LYS B 210 -12.56 16.36 15.50
N TRP B 211 -11.78 15.31 15.26
CA TRP B 211 -10.45 15.45 14.67
C TRP B 211 -10.38 14.84 13.27
N MET B 212 -11.46 14.19 12.84
CA MET B 212 -11.47 13.46 11.58
C MET B 212 -11.81 14.34 10.39
N ALA B 213 -11.08 14.15 9.29
CA ALA B 213 -11.41 14.77 8.02
C ALA B 213 -12.77 14.26 7.54
N PRO B 214 -13.52 15.10 6.82
CA PRO B 214 -14.86 14.71 6.35
C PRO B 214 -14.85 13.47 5.48
N GLU B 215 -13.85 13.33 4.62
CA GLU B 215 -13.75 12.17 3.75
C GLU B 215 -13.43 10.90 4.53
N ALA B 216 -12.88 11.07 5.73
CA ALA B 216 -12.59 9.93 6.60
C ALA B 216 -13.75 9.68 7.55
N LEU B 217 -14.63 10.66 7.66
CA LEU B 217 -15.76 10.58 8.57
C LEU B 217 -17.05 10.18 7.84
N PHE B 218 -17.20 10.66 6.61
CA PHE B 218 -18.40 10.40 5.82
C PHE B 218 -18.22 9.24 4.84
N ASP B 219 -16.98 8.81 4.67
CA ASP B 219 -16.64 7.84 3.63
C ASP B 219 -15.71 6.79 4.22
N ARG B 220 -14.86 7.23 5.14
CA ARG B 220 -13.76 6.45 5.72
C ARG B 220 -12.64 6.28 4.70
N ILE B 221 -12.42 7.33 3.91
CA ILE B 221 -11.22 7.45 3.09
C ILE B 221 -10.10 7.98 3.97
N TYR B 222 -9.03 7.20 4.12
CA TYR B 222 -7.91 7.61 4.96
C TYR B 222 -6.63 7.76 4.14
N THR B 223 -6.20 9.00 3.98
CA THR B 223 -4.92 9.27 3.33
C THR B 223 -4.05 10.12 4.25
N HIS B 224 -2.88 10.52 3.76
CA HIS B 224 -2.02 11.43 4.50
C HIS B 224 -2.66 12.80 4.60
N GLN B 225 -3.51 13.12 3.63
CA GLN B 225 -4.21 14.39 3.60
C GLN B 225 -5.32 14.45 4.64
N SER B 226 -5.82 13.28 5.03
CA SER B 226 -6.83 13.20 6.07
C SER B 226 -6.19 13.50 7.43
N ASP B 227 -4.90 13.16 7.55
CA ASP B 227 -4.15 13.47 8.76
C ASP B 227 -3.80 14.96 8.81
N VAL B 228 -3.73 15.59 7.65
CA VAL B 228 -3.46 17.02 7.57
C VAL B 228 -4.60 17.80 8.20
N TRP B 229 -5.83 17.37 7.92
CA TRP B 229 -7.02 17.93 8.56
C TRP B 229 -6.89 17.82 10.07
N SER B 230 -6.54 16.63 10.55
CA SER B 230 -6.37 16.37 11.97
C SER B 230 -5.29 17.27 12.56
N PHE B 231 -4.24 17.51 11.77
CA PHE B 231 -3.15 18.37 12.20
C PHE B 231 -3.65 19.79 12.43
N GLY B 232 -4.63 20.21 11.64
CA GLY B 232 -5.22 21.53 11.79
C GLY B 232 -5.94 21.67 13.11
N VAL B 233 -6.65 20.62 13.51
CA VAL B 233 -7.33 20.62 14.80
C VAL B 233 -6.31 20.60 15.93
N LEU B 234 -5.20 19.89 15.70
CA LEU B 234 -4.11 19.83 16.67
C LEU B 234 -3.46 21.19 16.79
N LEU B 235 -3.31 21.88 15.66
CA LEU B 235 -2.84 23.26 15.65
C LEU B 235 -3.72 24.13 16.54
N TRP B 236 -5.03 24.00 16.33
CA TRP B 236 -6.03 24.73 17.11
C TRP B 236 -5.90 24.37 18.59
N GLU B 237 -5.64 23.11 18.87
CA GLU B 237 -5.42 22.64 20.24
C GLU B 237 -4.23 23.35 20.89
N ILE B 238 -3.18 23.56 20.12
CA ILE B 238 -1.96 24.15 20.63
C ILE B 238 -2.14 25.62 21.00
N PHE B 239 -2.73 26.38 20.09
CA PHE B 239 -2.88 27.83 20.30
C PHE B 239 -4.12 28.16 21.12
N THR B 240 -4.77 27.12 21.65
CA THR B 240 -5.79 27.30 22.68
C THR B 240 -5.26 26.74 24.00
N LEU B 241 -4.00 26.29 23.97
CA LEU B 241 -3.33 25.75 25.14
C LEU B 241 -4.10 24.61 25.79
N GLY B 242 -4.58 23.68 24.96
CA GLY B 242 -5.27 22.51 25.45
C GLY B 242 -6.79 22.61 25.38
N GLY B 243 -7.28 23.53 24.55
CA GLY B 243 -8.71 23.71 24.40
C GLY B 243 -9.38 22.51 23.80
N SER B 244 -10.67 22.34 24.09
CA SER B 244 -11.47 21.26 23.53
C SER B 244 -12.31 21.77 22.37
N PRO B 245 -12.16 21.15 21.19
CA PRO B 245 -12.91 21.58 20.01
C PRO B 245 -14.39 21.29 20.12
N TYR B 246 -15.21 22.25 19.71
CA TYR B 246 -16.68 22.15 19.74
C TYR B 246 -17.24 21.58 21.04
N PRO B 247 -16.98 22.24 22.18
CA PRO B 247 -17.49 21.74 23.45
C PRO B 247 -19.01 21.70 23.48
N GLY B 248 -19.58 20.60 23.96
CA GLY B 248 -21.02 20.47 24.07
C GLY B 248 -21.69 20.01 22.78
N VAL B 249 -20.90 19.78 21.74
CA VAL B 249 -21.43 19.34 20.46
C VAL B 249 -21.37 17.82 20.30
N PRO B 250 -22.54 17.18 20.20
CA PRO B 250 -22.62 15.73 19.93
C PRO B 250 -22.31 15.42 18.47
N VAL B 251 -22.10 14.15 18.13
CA VAL B 251 -21.59 13.79 16.81
C VAL B 251 -22.56 14.11 15.67
N GLU B 252 -23.85 14.10 15.98
CA GLU B 252 -24.88 14.40 14.98
C GLU B 252 -24.77 15.86 14.56
N GLU B 253 -24.64 16.74 15.55
CA GLU B 253 -24.49 18.16 15.30
C GLU B 253 -23.15 18.45 14.61
N LEU B 254 -22.15 17.64 14.90
CA LEU B 254 -20.85 17.77 14.25
C LEU B 254 -21.00 17.52 12.76
N PHE B 255 -21.82 16.53 12.41
CA PHE B 255 -22.09 16.20 11.02
C PHE B 255 -22.80 17.36 10.34
N LYS B 256 -23.83 17.90 10.99
CA LYS B 256 -24.58 19.02 10.47
C LYS B 256 -23.67 20.21 10.23
N LEU B 257 -22.80 20.49 11.19
CA LEU B 257 -21.83 21.57 11.09
C LEU B 257 -20.89 21.37 9.89
N LEU B 258 -20.35 20.17 9.77
CA LEU B 258 -19.42 19.85 8.69
C LEU B 258 -20.10 19.95 7.32
N LYS B 259 -21.31 19.42 7.22
CA LYS B 259 -22.07 19.47 5.98
C LYS B 259 -22.36 20.91 5.57
N GLU B 260 -22.57 21.77 6.56
CA GLU B 260 -22.81 23.19 6.32
C GLU B 260 -21.50 23.93 6.10
N GLY B 261 -20.40 23.19 6.10
CA GLY B 261 -19.10 23.77 5.81
C GLY B 261 -18.53 24.62 6.93
N HIS B 262 -19.06 24.44 8.14
CA HIS B 262 -18.61 25.21 9.29
CA HIS B 262 -18.62 25.21 9.30
C HIS B 262 -17.16 24.90 9.64
N ARG B 263 -16.45 25.90 10.14
CA ARG B 263 -15.07 25.75 10.57
C ARG B 263 -14.89 26.36 11.95
N MET B 264 -13.94 25.85 12.71
CA MET B 264 -13.68 26.37 14.05
C MET B 264 -13.18 27.80 13.99
N ASP B 265 -13.59 28.60 14.98
CA ASP B 265 -13.24 30.01 15.02
C ASP B 265 -11.78 30.21 15.39
N LYS B 266 -11.25 31.37 15.03
CA LYS B 266 -9.86 31.70 15.31
C LYS B 266 -9.62 31.88 16.80
N PRO B 267 -8.66 31.12 17.34
CA PRO B 267 -8.33 31.22 18.77
C PRO B 267 -7.69 32.56 19.10
N SER B 268 -7.70 32.93 20.38
CA SER B 268 -6.90 34.06 20.83
C SER B 268 -5.45 33.62 20.87
N ASN B 269 -4.54 34.55 21.10
CA ASN B 269 -3.11 34.26 21.09
C ASN B 269 -2.67 33.58 19.80
N CYS B 270 -3.30 33.96 18.70
CA CYS B 270 -3.06 33.31 17.41
C CYS B 270 -2.99 34.33 16.27
N THR B 271 -1.98 34.20 15.43
CA THR B 271 -1.81 35.10 14.29
C THR B 271 -2.76 34.72 13.16
N ASN B 272 -2.88 35.60 12.17
CA ASN B 272 -3.83 35.40 11.08
C ASN B 272 -3.42 34.31 10.09
N GLU B 273 -2.11 34.11 9.90
CA GLU B 273 -1.65 33.11 8.95
C GLU B 273 -1.63 31.72 9.61
N LEU B 274 -1.37 31.69 10.92
CA LEU B 274 -1.43 30.43 11.66
C LEU B 274 -2.85 29.90 11.64
N TYR B 275 -3.82 30.82 11.72
CA TYR B 275 -5.22 30.42 11.60
C TYR B 275 -5.57 30.13 10.15
N MET B 276 -4.95 30.84 9.22
CA MET B 276 -5.17 30.55 7.80
C MET B 276 -4.51 29.22 7.43
N MET B 277 -3.46 28.86 8.16
CA MET B 277 -2.86 27.54 8.02
C MET B 277 -3.84 26.45 8.45
N MET B 278 -4.57 26.72 9.54
CA MET B 278 -5.59 25.81 10.02
C MET B 278 -6.70 25.65 8.98
N ARG B 279 -7.17 26.78 8.45
CA ARG B 279 -8.23 26.78 7.46
C ARG B 279 -7.80 26.05 6.19
N ASP B 280 -6.52 26.16 5.85
CA ASP B 280 -5.96 25.44 4.71
C ASP B 280 -6.03 23.94 4.95
N CYS B 281 -5.63 23.52 6.14
CA CYS B 281 -5.72 22.10 6.53
C CYS B 281 -7.17 21.63 6.53
N TRP B 282 -8.10 22.58 6.64
CA TRP B 282 -9.51 22.26 6.71
C TRP B 282 -10.25 22.54 5.41
N HIS B 283 -9.56 22.42 4.28
CA HIS B 283 -10.20 22.59 2.99
C HIS B 283 -10.92 21.31 2.57
N ALA B 284 -12.14 21.47 2.08
CA ALA B 284 -13.02 20.34 1.77
C ALA B 284 -12.38 19.36 0.78
N VAL B 285 -11.65 19.89 -0.18
CA VAL B 285 -10.93 19.03 -1.13
C VAL B 285 -9.50 18.79 -0.64
N PRO B 286 -9.21 17.54 -0.27
CA PRO B 286 -7.92 17.11 0.30
C PRO B 286 -6.73 17.45 -0.58
N SER B 287 -6.95 17.46 -1.89
CA SER B 287 -5.87 17.66 -2.85
C SER B 287 -5.25 19.06 -2.75
N GLN B 288 -5.97 20.01 -2.16
CA GLN B 288 -5.43 21.35 -2.01
C GLN B 288 -5.34 21.77 -0.53
N ARG B 289 -5.29 20.79 0.35
CA ARG B 289 -4.76 21.02 1.69
C ARG B 289 -3.25 20.98 1.54
N PRO B 290 -2.52 21.68 2.42
CA PRO B 290 -1.07 21.56 2.35
C PRO B 290 -0.59 20.15 2.70
N THR B 291 0.60 19.78 2.25
CA THR B 291 1.20 18.51 2.63
C THR B 291 2.04 18.73 3.87
N PHE B 292 2.42 17.64 4.54
CA PHE B 292 3.25 17.74 5.73
C PHE B 292 4.63 18.27 5.36
N LYS B 293 5.07 18.02 4.14
CA LYS B 293 6.32 18.60 3.66
C LYS B 293 6.18 20.10 3.53
N GLN B 294 5.05 20.54 2.98
CA GLN B 294 4.76 21.96 2.85
C GLN B 294 4.54 22.60 4.22
N LEU B 295 3.81 21.89 5.08
CA LEU B 295 3.53 22.38 6.43
C LEU B 295 4.80 22.56 7.26
N VAL B 296 5.76 21.65 7.08
CA VAL B 296 7.02 21.72 7.81
C VAL B 296 7.81 22.97 7.44
N GLU B 297 7.98 23.21 6.14
CA GLU B 297 8.76 24.35 5.68
C GLU B 297 8.03 25.67 5.92
N ASP B 298 6.71 25.64 5.86
CA ASP B 298 5.91 26.80 6.23
C ASP B 298 6.06 27.09 7.73
N LEU B 299 5.98 26.04 8.53
CA LEU B 299 6.13 26.18 9.98
C LEU B 299 7.57 26.52 10.36
N ASP B 300 8.53 26.07 9.57
CA ASP B 300 9.93 26.40 9.81
C ASP B 300 10.17 27.89 9.62
N ARG B 301 9.55 28.44 8.58
CA ARG B 301 9.62 29.88 8.33
C ARG B 301 8.97 30.66 9.46
N ILE B 302 7.75 30.27 9.81
CA ILE B 302 6.97 30.95 10.85
C ILE B 302 7.68 30.93 12.21
N VAL B 303 8.36 29.84 12.52
CA VAL B 303 9.15 29.78 13.76
C VAL B 303 10.15 30.92 13.82
N ALA B 304 10.93 31.06 12.75
CA ALA B 304 11.96 32.08 12.67
C ALA B 304 11.37 33.49 12.72
N LEU B 305 10.14 33.65 12.26
CA LEU B 305 9.54 34.97 12.12
C LEU B 305 8.84 35.48 13.38
N THR B 306 8.36 34.57 14.23
CA THR B 306 7.74 34.98 15.47
C THR B 306 8.80 35.46 16.46
N SER B 307 8.39 35.97 17.62
CA SER B 307 9.33 36.52 18.59
C SER B 307 8.88 36.29 20.03
N ASN B 308 9.85 36.21 20.94
CA ASN B 308 9.56 35.99 22.36
C ASN B 308 8.97 37.22 23.02
C1 A1LVQ C . 2.33 -19.89 -16.37
N1 A1LVQ C . -0.71 -18.21 -13.42
O1 A1LVQ C . 3.34 -21.25 -18.07
C2 A1LVQ C . 1.94 -18.65 -15.91
N2 A1LVQ C . 1.31 -18.51 -14.64
O2 A1LVQ C . 2.99 -16.55 -18.72
C3 A1LVQ C . 2.16 -17.53 -16.70
N3 A1LVQ C . 1.36 -16.92 -10.04
O3 A1LVQ C . -0.70 -19.15 -15.46
C4 A1LVQ C . 2.78 -17.65 -17.95
N4 A1LVQ C . -0.67 -17.41 -11.22
O4 A1LVQ C . -3.71 -18.48 -6.00
C5 A1LVQ C . 3.17 -18.90 -18.40
N5 A1LVQ C . -0.71 -16.62 -9.06
O5 A1LVQ C . -10.06 -18.02 -11.17
C6 A1LVQ C . 2.95 -20.02 -17.61
N6 A1LVQ C . -2.11 -17.02 -6.67
C7 A1LVQ C . 3.67 -16.75 -19.97
N7 A1LVQ C . -8.51 -18.26 -12.81
C8 A1LVQ C . 4.06 -21.30 -19.30
C9 A1LVQ C . 1.41 -17.76 -12.31
C10 A1LVQ C . 0.01 -17.79 -12.30
C11 A1LVQ C . -0.05 -18.67 -14.54
C12 A1LVQ C . 2.19 -18.17 -13.52
C13 A1LVQ C . 2.07 -17.29 -11.10
C14 A1LVQ C . 0.02 -16.99 -10.15
C15 A1LVQ C . -4.75 -15.49 -8.81
C16 A1LVQ C . -4.05 -15.30 -9.99
C17 A1LVQ C . -2.72 -15.67 -10.07
C18 A1LVQ C . -2.04 -16.24 -8.97
C19 A1LVQ C . -2.76 -16.45 -7.78
C20 A1LVQ C . -4.12 -16.05 -7.71
C21 A1LVQ C . -2.65 -17.89 -5.79
C22 A1LVQ C . -1.84 -18.14 -4.57
C23 A1LVQ C . -2.19 -18.12 -13.44
C24 A1LVQ C . -2.88 -19.27 -12.70
C25 A1LVQ C . -4.37 -19.03 -12.71
C26 A1LVQ C . -5.22 -19.70 -11.85
C27 A1LVQ C . -6.58 -19.47 -11.86
C28 A1LVQ C . -7.13 -18.56 -12.75
C29 A1LVQ C . -6.28 -17.86 -13.61
C30 A1LVQ C . -4.92 -18.10 -13.58
C31 A1LVQ C . -9.50 -18.71 -12.02
C32 A1LVQ C . -9.90 -20.15 -12.27
C33 A1LVQ C . -2.39 -18.26 -3.40
C34 A1LVQ C . -11.35 -20.33 -12.56
S SO4 D . -11.65 -10.14 -15.85
O1 SO4 D . -11.24 -9.03 -16.71
O2 SO4 D . -12.10 -11.26 -16.66
O3 SO4 D . -12.74 -9.70 -14.97
O4 SO4 D . -10.51 -10.56 -15.02
S SO4 E . -16.83 -6.98 -12.31
O1 SO4 E . -16.66 -5.55 -12.03
O2 SO4 E . -16.40 -7.26 -13.68
O3 SO4 E . -18.24 -7.33 -12.15
O4 SO4 E . -16.02 -7.75 -11.37
S SO4 F . -1.56 -17.21 -1.14
O1 SO4 F . -2.08 -16.22 -2.07
O2 SO4 F . -0.38 -17.84 -1.73
O3 SO4 F . -1.20 -16.58 0.11
O4 SO4 F . -2.58 -18.23 -0.91
C1 A1LVQ G . 3.65 4.60 22.54
N1 A1LVQ G . 2.52 5.51 26.81
O1 A1LVQ G . 3.53 4.56 20.16
C2 A1LVQ G . 3.81 3.92 23.75
N2 A1LVQ G . 3.78 4.63 24.99
O2 A1LVQ G . 4.29 0.51 22.52
C3 A1LVQ G . 4.03 2.55 23.73
N3 A1LVQ G . 5.68 7.99 27.90
O3 A1LVQ G . 1.54 4.28 25.20
C4 A1LVQ G . 4.08 1.86 22.53
N4 A1LVQ G . 3.41 7.25 28.10
O4 A1LVQ G . 3.01 8.70 33.75
C5 A1LVQ G . 3.91 2.54 21.33
N5 A1LVQ G . 4.22 8.97 29.40
O5 A1LVQ G . -4.17 7.52 32.23
C6 A1LVQ G . 3.69 3.91 21.35
N6 A1LVQ G . 3.92 9.90 32.06
C7 A1LVQ G . 4.36 -0.14 21.26
N7 A1LVQ G . -4.54 6.32 30.34
C8 A1LVQ G . 3.65 3.81 18.96
C9 A1LVQ G . 4.84 6.19 26.54
C10 A1LVQ G . 3.59 6.33 27.16
C11 A1LVQ G . 2.56 4.79 25.63
C12 A1LVQ G . 5.05 5.17 25.47
C13 A1LVQ G . 5.91 7.08 26.95
C14 A1LVQ G . 4.44 8.05 28.43
C15 A1LVQ G . 0.60 10.69 30.63
C16 A1LVQ G . 0.76 10.24 29.32
C17 A1LVQ G . 1.95 9.68 28.92
C18 A1LVQ G . 3.04 9.56 29.81
C19 A1LVQ G . 2.87 9.99 31.13
C20 A1LVQ G . 1.64 10.57 31.52
C21 A1LVQ G . 3.74 9.63 33.36
C22 A1LVQ G . 4.48 10.52 34.30
C23 A1LVQ G . 1.32 5.43 27.67
C24 A1LVQ G . 0.33 6.56 27.35
C25 A1LVQ G . -0.93 6.50 28.16
C26 A1LVQ G . -1.06 7.18 29.36
C27 A1LVQ G . -2.23 7.14 30.10
C28 A1LVQ G . -3.31 6.40 29.65
C29 A1LVQ G . -3.21 5.72 28.44
C30 A1LVQ G . -2.03 5.78 27.72
C31 A1LVQ G . -4.95 6.96 31.46
C32 A1LVQ G . -6.44 6.91 31.68
C33 A1LVQ G . 5.13 10.04 35.33
C34 A1LVQ G . -6.83 6.25 32.97
S SO4 H . -8.26 14.59 25.18
O1 SO4 H . -6.83 14.40 25.46
O2 SO4 H . -8.44 14.99 23.79
O3 SO4 H . -8.79 15.61 26.08
O4 SO4 H . -8.96 13.33 25.42
S SO4 I . -11.23 19.99 28.67
O1 SO4 I . -10.92 21.28 28.05
O2 SO4 I . -12.11 19.22 27.78
O3 SO4 I . -11.90 20.20 29.95
O4 SO4 I . -9.99 19.24 28.88
S SO4 J . 7.24 10.49 36.93
O1 SO4 J . 7.01 11.74 36.20
O2 SO4 J . 7.18 9.37 36.00
O3 SO4 J . 6.20 10.33 37.95
O4 SO4 J . 8.54 10.53 37.58
#